data_4Q6J
#
_entry.id   4Q6J
#
_cell.length_a   132.771
_cell.length_b   72.483
_cell.length_c   77.573
_cell.angle_alpha   90.00
_cell.angle_beta   125.77
_cell.angle_gamma   90.00
#
_symmetry.space_group_name_H-M   'C 1 2 1'
#
loop_
_entity.id
_entity.type
_entity.pdbx_description
1 polymer 'Lmo0131 protein'
2 non-polymer 'PHOSPHATE ION'
3 non-polymer 1,2-ETHANEDIOL
4 non-polymer GLYCEROL
5 non-polymer 'ACETIC ACID'
6 water water
#
_entity_poly.entity_id   1
_entity_poly.type   'polypeptide(L)'
_entity_poly.pdbx_seq_one_letter_code
;SNA(MSE)DISSTEIWDAIRRNSYLLYYQPKVDAKTNKIIGFEGLVRLKTATTILAPIDFFDDIVLLNATRE(MSE)QDF
VAETAIKQINQLGGRFSISINIPAHYVASSTY(MSE)TFLHDYVKEHLKYPECLEIEIIERGEITELAIADKNLRKIKDL
GVKVS(MSE)DDFGKGYSSLAYLRSLPIDIVKTD(MSE)SFIALLKTDRKQQIIIRAIVNLCHDLGGKVVTEGVED
(MSE)EQVEKLRE(MSE)KVDYFQGYYFSRPLP(MSE)EEIKQKYSIV
;
_entity_poly.pdbx_strand_id   A,B
#
loop_
_chem_comp.id
_chem_comp.type
_chem_comp.name
_chem_comp.formula
ACY non-polymer 'ACETIC ACID' 'C2 H4 O2'
EDO non-polymer 1,2-ETHANEDIOL 'C2 H6 O2'
GOL non-polymer GLYCEROL 'C3 H8 O3'
PO4 non-polymer 'PHOSPHATE ION' 'O4 P -3'
#
# COMPACT_ATOMS: atom_id res chain seq x y z
N ASP A 5 11.74 7.17 5.71
CA ASP A 5 12.59 7.73 6.76
C ASP A 5 13.44 6.67 7.46
N ILE A 6 13.06 5.42 7.31
CA ILE A 6 13.79 4.29 7.89
C ILE A 6 14.33 3.35 6.83
N SER A 7 15.36 2.61 7.20
CA SER A 7 16.00 1.68 6.28
C SER A 7 15.15 0.44 6.10
N SER A 8 15.38 -0.28 5.00
CA SER A 8 14.85 -1.63 4.85
C SER A 8 15.58 -2.58 5.79
N THR A 9 16.85 -2.28 6.02
CA THR A 9 17.57 -2.98 7.07
C THR A 9 16.80 -2.97 8.40
N GLU A 10 16.35 -1.80 8.83
CA GLU A 10 15.55 -1.64 10.05
C GLU A 10 14.28 -2.48 10.06
N ILE A 11 13.58 -2.48 8.94
CA ILE A 11 12.36 -3.31 8.77
C ILE A 11 12.66 -4.82 8.82
N TRP A 12 13.72 -5.21 8.13
CA TRP A 12 14.21 -6.57 8.14
C TRP A 12 14.54 -7.08 9.50
N ASP A 13 15.30 -6.29 10.24
N ASP A 13 15.30 -6.28 10.24
CA ASP A 13 15.69 -6.68 11.57
CA ASP A 13 15.72 -6.63 11.59
C ASP A 13 14.47 -6.88 12.46
C ASP A 13 14.50 -6.85 12.48
N ALA A 14 13.50 -5.99 12.31
CA ALA A 14 12.26 -6.13 13.09
C ALA A 14 11.55 -7.44 12.73
N ILE A 15 11.38 -7.72 11.45
CA ILE A 15 10.60 -8.87 11.05
C ILE A 15 11.36 -10.13 11.44
N ARG A 16 12.65 -10.11 11.23
CA ARG A 16 13.47 -11.26 11.58
C ARG A 16 13.34 -11.55 13.07
N ARG A 17 13.26 -10.51 13.89
CA ARG A 17 13.04 -10.67 15.30
C ARG A 17 11.57 -10.87 15.70
N ASN A 18 10.69 -11.04 14.71
CA ASN A 18 9.26 -11.23 14.96
C ASN A 18 8.71 -10.13 15.85
N SER A 19 9.15 -8.92 15.57
CA SER A 19 8.88 -7.79 16.41
C SER A 19 7.50 -7.19 16.07
N TYR A 20 6.42 -7.90 16.39
CA TYR A 20 5.08 -7.48 16.00
C TYR A 20 4.28 -6.99 17.22
N LEU A 21 3.26 -6.18 16.96
CA LEU A 21 2.28 -5.79 17.96
C LEU A 21 0.93 -6.10 17.37
N LEU A 22 -0.10 -6.20 18.20
CA LEU A 22 -1.49 -6.22 17.72
C LEU A 22 -2.23 -5.04 18.34
N TYR A 23 -2.65 -4.09 17.50
CA TYR A 23 -3.45 -2.97 17.97
C TYR A 23 -4.91 -3.38 17.83
N TYR A 24 -5.82 -2.60 18.42
CA TYR A 24 -7.24 -2.91 18.41
C TYR A 24 -8.02 -1.68 18.00
N GLN A 25 -8.96 -1.83 17.06
CA GLN A 25 -9.89 -0.77 16.78
C GLN A 25 -11.26 -1.16 17.30
N PRO A 26 -11.86 -0.36 18.22
CA PRO A 26 -13.16 -0.71 18.84
C PRO A 26 -14.29 -0.77 17.82
N LYS A 27 -15.22 -1.70 18.03
CA LYS A 27 -16.44 -1.76 17.26
C LYS A 27 -17.57 -1.46 18.21
N VAL A 28 -18.47 -0.59 17.74
CA VAL A 28 -19.48 0.00 18.60
C VAL A 28 -20.86 -0.41 18.09
N ASP A 29 -21.72 -0.83 19.01
CA ASP A 29 -23.08 -1.22 18.67
C ASP A 29 -23.94 -0.01 18.29
N ALA A 30 -24.54 -0.01 17.11
CA ALA A 30 -25.29 1.16 16.64
C ALA A 30 -26.51 1.44 17.51
N LYS A 31 -26.97 0.42 18.21
CA LYS A 31 -28.18 0.54 19.03
C LYS A 31 -27.84 1.07 20.39
N THR A 32 -26.90 0.42 21.06
CA THR A 32 -26.55 0.77 22.44
C THR A 32 -25.46 1.86 22.56
N ASN A 33 -24.66 2.06 21.53
CA ASN A 33 -23.48 2.93 21.57
C ASN A 33 -22.34 2.42 22.50
N LYS A 34 -22.38 1.13 22.85
CA LYS A 34 -21.36 0.52 23.69
C LYS A 34 -20.32 -0.18 22.81
N ILE A 35 -19.06 -0.17 23.21
CA ILE A 35 -18.04 -0.97 22.53
C ILE A 35 -18.38 -2.42 22.70
N ILE A 36 -18.36 -3.19 21.62
CA ILE A 36 -18.68 -4.62 21.75
C ILE A 36 -17.55 -5.57 21.39
N GLY A 37 -16.50 -5.02 20.78
CA GLY A 37 -15.41 -5.83 20.35
C GLY A 37 -14.41 -4.96 19.64
N PHE A 38 -13.40 -5.58 19.06
CA PHE A 38 -12.27 -4.91 18.44
C PHE A 38 -11.82 -5.64 17.20
N GLU A 39 -11.45 -4.87 16.18
CA GLU A 39 -10.71 -5.39 15.04
C GLU A 39 -9.22 -5.47 15.40
N GLY A 40 -8.63 -6.66 15.39
CA GLY A 40 -7.21 -6.78 15.65
C GLY A 40 -6.44 -6.41 14.39
N LEU A 41 -5.42 -5.59 14.55
CA LEU A 41 -4.64 -5.11 13.41
C LEU A 41 -3.17 -5.22 13.75
N VAL A 42 -2.41 -5.92 12.90
CA VAL A 42 -0.97 -6.13 13.16
C VAL A 42 -0.09 -4.89 12.83
N ARG A 43 1.04 -4.77 13.53
CA ARG A 43 2.00 -3.67 13.34
C ARG A 43 3.40 -4.23 13.51
N LEU A 44 4.37 -3.62 12.85
CA LEU A 44 5.77 -3.99 13.02
C LEU A 44 6.44 -2.97 13.93
N LYS A 45 7.05 -3.42 15.02
CA LYS A 45 7.79 -2.53 15.90
C LYS A 45 9.25 -2.60 15.50
N THR A 46 9.70 -1.63 14.73
CA THR A 46 11.11 -1.55 14.37
C THR A 46 11.84 -0.78 15.43
N ALA A 47 13.15 -0.78 15.37
CA ALA A 47 13.96 -0.20 16.42
C ALA A 47 13.56 1.25 16.68
N THR A 48 13.14 1.97 15.66
CA THR A 48 12.76 3.36 15.84
C THR A 48 11.31 3.75 15.52
N THR A 49 10.54 2.85 14.92
CA THR A 49 9.21 3.22 14.47
C THR A 49 8.21 2.06 14.58
N ILE A 50 6.95 2.37 14.28
CA ILE A 50 5.87 1.39 14.21
C ILE A 50 5.21 1.52 12.85
N LEU A 51 5.08 0.41 12.12
CA LEU A 51 4.55 0.41 10.77
C LEU A 51 3.28 -0.45 10.64
N ALA A 52 2.39 -0.04 9.74
CA ALA A 52 1.27 -0.86 9.31
C ALA A 52 1.76 -1.78 8.18
N PRO A 53 1.10 -2.94 7.98
CA PRO A 53 1.61 -3.99 7.07
C PRO A 53 1.95 -3.52 5.67
N ILE A 54 1.14 -2.59 5.16
CA ILE A 54 1.27 -2.09 3.80
C ILE A 54 2.62 -1.42 3.60
N ASP A 55 3.13 -0.79 4.65
CA ASP A 55 4.45 -0.20 4.61
C ASP A 55 5.55 -1.24 4.77
N PHE A 56 5.17 -2.49 5.00
CA PHE A 56 6.16 -3.56 4.99
C PHE A 56 5.74 -4.93 4.46
N PHE A 57 4.55 -5.05 3.89
CA PHE A 57 3.98 -6.35 3.56
C PHE A 57 4.85 -7.10 2.58
N ASP A 58 5.36 -6.39 1.59
CA ASP A 58 6.20 -6.98 0.57
C ASP A 58 7.60 -7.31 1.11
N ASP A 59 7.90 -6.76 2.26
CA ASP A 59 9.18 -7.07 2.86
C ASP A 59 8.95 -8.36 3.65
N ILE A 60 7.71 -8.51 4.12
CA ILE A 60 7.23 -9.74 4.74
C ILE A 60 7.31 -10.86 3.70
N VAL A 61 6.91 -10.52 2.48
CA VAL A 61 6.98 -11.39 1.33
C VAL A 61 8.39 -11.89 1.02
N LEU A 62 9.37 -10.97 0.93
N LEU A 62 9.33 -10.95 1.05
CA LEU A 62 10.78 -11.32 0.69
CA LEU A 62 10.72 -11.23 0.71
C LEU A 62 11.25 -12.37 1.67
C LEU A 62 11.29 -12.26 1.66
N LEU A 63 10.95 -12.14 2.93
CA LEU A 63 11.53 -12.87 4.05
C LEU A 63 10.75 -14.15 4.36
N ASN A 64 9.74 -14.45 3.56
N ASN A 64 9.72 -14.40 3.57
CA ASN A 64 8.86 -15.62 3.76
CA ASN A 64 8.89 -15.56 3.79
C ASN A 64 8.19 -15.69 5.15
C ASN A 64 8.22 -15.68 5.16
N ALA A 65 7.74 -14.56 5.65
CA ALA A 65 7.34 -14.42 7.02
C ALA A 65 5.87 -14.23 7.24
N THR A 66 5.02 -14.52 6.27
CA THR A 66 3.58 -14.35 6.49
C THR A 66 3.06 -15.37 7.49
N ARG A 67 3.59 -16.58 7.44
CA ARG A 67 3.13 -17.58 8.37
C ARG A 67 3.50 -17.21 9.82
N GLU A 68 4.73 -16.75 10.04
N GLU A 68 4.73 -16.75 10.02
CA GLU A 68 5.14 -16.33 11.38
CA GLU A 68 5.18 -16.30 11.34
C GLU A 68 4.30 -15.13 11.85
C GLU A 68 4.33 -15.12 11.84
N MSE A 69 3.91 -14.28 10.91
CA MSE A 69 3.10 -13.15 11.27
C MSE A 69 1.69 -13.59 11.62
O MSE A 69 1.07 -13.06 12.56
CB MSE A 69 3.07 -12.12 10.13
CG MSE A 69 2.19 -10.93 10.41
SE MSE A 69 2.61 -9.43 9.26
CE MSE A 69 2.73 -10.37 7.61
N GLN A 70 1.19 -14.58 10.87
CA GLN A 70 -0.15 -15.19 11.06
C GLN A 70 -0.30 -15.91 12.40
N ASP A 71 0.74 -16.61 12.84
CA ASP A 71 0.77 -17.21 14.16
C ASP A 71 0.78 -16.14 15.26
N PHE A 72 1.60 -15.12 15.11
CA PHE A 72 1.64 -14.04 16.10
C PHE A 72 0.24 -13.44 16.31
N VAL A 73 -0.48 -13.18 15.23
CA VAL A 73 -1.78 -12.51 15.36
C VAL A 73 -2.80 -13.42 16.04
N ALA A 74 -2.91 -14.67 15.59
CA ALA A 74 -3.82 -15.61 16.23
C ALA A 74 -3.49 -15.84 17.71
N GLU A 75 -2.23 -16.13 17.99
CA GLU A 75 -1.82 -16.33 19.37
C GLU A 75 -2.13 -15.14 20.33
N THR A 76 -1.87 -13.94 19.84
CA THR A 76 -2.00 -12.73 20.63
C THR A 76 -3.45 -12.39 20.87
N ALA A 77 -4.25 -12.48 19.82
CA ALA A 77 -5.68 -12.16 19.89
C ALA A 77 -6.38 -13.14 20.83
N ILE A 78 -6.00 -14.41 20.76
CA ILE A 78 -6.62 -15.42 21.61
C ILE A 78 -6.28 -15.15 23.08
N LYS A 79 -5.05 -14.79 23.35
CA LYS A 79 -4.66 -14.47 24.72
C LYS A 79 -5.44 -13.28 25.26
N GLN A 80 -5.73 -12.31 24.41
CA GLN A 80 -6.46 -11.13 24.84
C GLN A 80 -7.96 -11.40 25.00
N ILE A 81 -8.55 -12.18 24.09
CA ILE A 81 -9.94 -12.61 24.21
C ILE A 81 -10.14 -13.33 25.56
N ASN A 82 -9.21 -14.25 25.88
CA ASN A 82 -9.21 -14.97 27.15
C ASN A 82 -9.12 -14.02 28.31
N GLN A 83 -8.20 -13.07 28.23
CA GLN A 83 -7.98 -12.11 29.30
C GLN A 83 -9.20 -11.22 29.52
N LEU A 84 -9.95 -10.95 28.43
CA LEU A 84 -11.18 -10.15 28.53
C LEU A 84 -12.40 -10.99 28.94
N GLY A 85 -12.20 -12.28 29.13
CA GLY A 85 -13.21 -13.09 29.76
C GLY A 85 -14.53 -13.30 29.06
N GLY A 86 -14.58 -13.11 27.76
CA GLY A 86 -15.78 -13.34 26.99
C GLY A 86 -16.62 -12.11 26.89
N ARG A 87 -16.15 -11.01 27.44
CA ARG A 87 -16.85 -9.74 27.37
C ARG A 87 -16.75 -8.98 26.04
N PHE A 88 -15.69 -9.23 25.29
CA PHE A 88 -15.48 -8.58 23.98
C PHE A 88 -15.05 -9.58 22.94
N SER A 89 -15.44 -9.35 21.70
CA SER A 89 -14.90 -10.12 20.61
C SER A 89 -13.63 -9.46 20.06
N ILE A 90 -12.79 -10.25 19.42
CA ILE A 90 -11.61 -9.75 18.71
C ILE A 90 -11.55 -10.49 17.37
N SER A 91 -11.40 -9.74 16.27
CA SER A 91 -11.21 -10.35 14.95
C SER A 91 -9.76 -10.37 14.56
N ILE A 92 -9.40 -11.35 13.74
CA ILE A 92 -8.08 -11.40 13.16
C ILE A 92 -8.24 -11.47 11.66
N ASN A 93 -7.38 -10.76 10.95
CA ASN A 93 -7.43 -10.74 9.51
C ASN A 93 -6.69 -11.93 9.00
N ILE A 94 -7.34 -12.74 8.19
CA ILE A 94 -6.69 -13.86 7.57
C ILE A 94 -6.85 -13.72 6.06
N PRO A 95 -5.72 -13.73 5.34
CA PRO A 95 -5.80 -13.72 3.87
C PRO A 95 -6.61 -14.88 3.34
N ALA A 96 -7.30 -14.63 2.24
CA ALA A 96 -8.11 -15.64 1.60
C ALA A 96 -7.27 -16.89 1.23
N HIS A 97 -6.02 -16.67 0.83
N HIS A 97 -6.01 -16.69 0.87
CA HIS A 97 -5.09 -17.76 0.57
CA HIS A 97 -5.16 -17.83 0.53
C HIS A 97 -4.96 -18.72 1.73
C HIS A 97 -4.86 -18.74 1.74
N TYR A 98 -4.86 -18.17 2.93
CA TYR A 98 -4.72 -18.97 4.13
C TYR A 98 -6.05 -19.61 4.47
N VAL A 99 -7.13 -18.85 4.31
CA VAL A 99 -8.46 -19.41 4.52
C VAL A 99 -8.71 -20.63 3.63
N ALA A 100 -8.18 -20.60 2.40
CA ALA A 100 -8.30 -21.73 1.48
C ALA A 100 -7.40 -22.90 1.81
N SER A 101 -6.33 -22.69 2.58
CA SER A 101 -5.36 -23.75 2.90
C SER A 101 -5.85 -24.73 3.96
N SER A 102 -6.11 -25.97 3.55
CA SER A 102 -6.62 -26.97 4.47
C SER A 102 -5.59 -27.17 5.55
N THR A 103 -4.33 -27.05 5.17
CA THR A 103 -3.23 -27.21 6.12
C THR A 103 -3.30 -26.17 7.25
N TYR A 104 -3.30 -24.90 6.88
CA TYR A 104 -3.29 -23.81 7.86
C TYR A 104 -4.54 -23.75 8.75
N MSE A 105 -5.72 -23.98 8.17
CA MSE A 105 -6.96 -23.87 8.95
C MSE A 105 -7.12 -24.99 10.00
O MSE A 105 -7.62 -24.78 11.09
CB MSE A 105 -8.17 -23.82 8.01
CG MSE A 105 -8.21 -22.56 7.16
SE MSE A 105 -8.51 -20.97 8.30
CE MSE A 105 -10.43 -21.28 8.62
N THR A 106 -6.72 -26.20 9.65
CA THR A 106 -6.77 -27.31 10.60
C THR A 106 -5.86 -27.00 11.75
N PHE A 107 -4.70 -26.46 11.44
CA PHE A 107 -3.76 -25.99 12.44
C PHE A 107 -4.39 -24.95 13.35
N LEU A 108 -4.88 -23.86 12.76
CA LEU A 108 -5.64 -22.86 13.47
C LEU A 108 -6.82 -23.47 14.27
N HIS A 109 -7.59 -24.32 13.62
CA HIS A 109 -8.75 -24.93 14.27
C HIS A 109 -8.36 -25.66 15.56
N ASP A 110 -7.31 -26.46 15.47
CA ASP A 110 -6.88 -27.21 16.64
C ASP A 110 -6.29 -26.28 17.66
N TYR A 111 -5.71 -25.18 17.19
CA TYR A 111 -5.15 -24.20 18.10
C TYR A 111 -6.25 -23.54 18.95
N VAL A 112 -7.32 -23.09 18.30
CA VAL A 112 -8.45 -22.48 18.99
C VAL A 112 -9.07 -23.48 19.94
N LYS A 113 -9.25 -24.70 19.49
CA LYS A 113 -9.84 -25.75 20.31
C LYS A 113 -9.03 -25.87 21.59
N GLU A 114 -7.72 -25.86 21.44
CA GLU A 114 -6.83 -26.06 22.56
C GLU A 114 -6.72 -24.86 23.54
N HIS A 115 -6.63 -23.65 22.99
CA HIS A 115 -6.23 -22.47 23.74
C HIS A 115 -7.29 -21.38 23.97
N LEU A 116 -8.33 -21.36 23.15
CA LEU A 116 -9.32 -20.29 23.26
C LEU A 116 -10.44 -20.71 24.18
N LYS A 117 -10.59 -20.02 25.30
CA LYS A 117 -11.65 -20.31 26.25
C LYS A 117 -13.02 -19.92 25.69
N TYR A 118 -13.07 -18.91 24.81
CA TYR A 118 -14.33 -18.28 24.39
C TYR A 118 -14.42 -18.19 22.88
N PRO A 119 -14.68 -19.33 22.21
CA PRO A 119 -14.56 -19.30 20.75
C PRO A 119 -15.57 -18.37 20.07
N GLU A 120 -16.73 -18.14 20.67
CA GLU A 120 -17.72 -17.24 20.09
C GLU A 120 -17.20 -15.80 20.01
N CYS A 121 -16.09 -15.55 20.72
CA CYS A 121 -15.47 -14.23 20.81
C CYS A 121 -14.32 -14.05 19.80
N LEU A 122 -13.98 -15.10 19.07
CA LEU A 122 -13.04 -14.94 17.94
C LEU A 122 -13.80 -14.71 16.68
N GLU A 123 -13.26 -13.84 15.83
CA GLU A 123 -13.78 -13.63 14.49
C GLU A 123 -12.62 -13.70 13.47
N ILE A 124 -12.83 -14.47 12.42
CA ILE A 124 -11.85 -14.51 11.37
C ILE A 124 -12.32 -13.54 10.33
N GLU A 125 -11.52 -12.49 10.10
CA GLU A 125 -11.85 -11.53 9.08
C GLU A 125 -11.10 -11.87 7.78
N ILE A 126 -11.82 -12.26 6.74
CA ILE A 126 -11.20 -12.66 5.49
C ILE A 126 -10.84 -11.42 4.71
N ILE A 127 -9.56 -11.32 4.40
CA ILE A 127 -9.03 -10.15 3.71
C ILE A 127 -8.29 -10.61 2.46
N GLU A 128 -7.92 -9.66 1.61
CA GLU A 128 -7.21 -9.98 0.38
C GLU A 128 -7.90 -11.03 -0.50
N ARG A 129 -9.13 -10.70 -0.87
N ARG A 129 -9.13 -10.73 -0.89
CA ARG A 129 -10.00 -11.62 -1.56
CA ARG A 129 -9.88 -11.58 -1.82
C ARG A 129 -9.84 -11.58 -3.08
C ARG A 129 -9.17 -11.77 -3.17
N THR A 133 -11.50 -16.66 -8.14
CA THR A 133 -10.78 -17.61 -7.29
C THR A 133 -11.69 -18.78 -6.82
N GLU A 134 -11.09 -19.86 -6.32
CA GLU A 134 -11.75 -21.10 -5.83
C GLU A 134 -12.36 -21.09 -4.39
N LEU A 135 -13.44 -21.82 -4.11
CA LEU A 135 -14.19 -21.64 -2.84
C LEU A 135 -14.73 -22.86 -2.04
N ALA A 136 -14.91 -24.03 -2.65
CA ALA A 136 -15.57 -25.11 -1.90
C ALA A 136 -14.74 -25.57 -0.71
N ILE A 137 -13.43 -25.61 -0.88
CA ILE A 137 -12.48 -25.98 0.17
C ILE A 137 -12.43 -24.92 1.28
N ALA A 138 -12.39 -23.64 0.90
CA ALA A 138 -12.46 -22.52 1.84
C ALA A 138 -13.71 -22.58 2.73
N ASP A 139 -14.85 -22.91 2.12
CA ASP A 139 -16.12 -23.05 2.80
C ASP A 139 -16.08 -24.23 3.80
N LYS A 140 -15.44 -25.33 3.41
CA LYS A 140 -15.23 -26.48 4.30
C LYS A 140 -14.34 -26.14 5.50
N ASN A 141 -13.21 -25.53 5.21
CA ASN A 141 -12.30 -25.05 6.23
C ASN A 141 -12.99 -24.14 7.23
N LEU A 142 -13.78 -23.20 6.71
CA LEU A 142 -14.41 -22.19 7.55
C LEU A 142 -15.48 -22.81 8.42
N ARG A 143 -16.26 -23.72 7.86
CA ARG A 143 -17.31 -24.36 8.67
C ARG A 143 -16.75 -25.22 9.82
N LYS A 144 -15.59 -25.85 9.58
CA LYS A 144 -15.01 -26.68 10.64
C LYS A 144 -14.68 -25.88 11.90
N ILE A 145 -14.26 -24.63 11.72
N ILE A 145 -14.25 -24.63 11.71
CA ILE A 145 -13.91 -23.82 12.86
CA ILE A 145 -13.88 -23.77 12.82
C ILE A 145 -15.16 -23.16 13.45
C ILE A 145 -15.14 -23.13 13.42
N LYS A 146 -16.11 -22.80 12.59
CA LYS A 146 -17.34 -22.21 13.07
C LYS A 146 -18.10 -23.20 13.94
N ASP A 147 -17.86 -24.50 13.73
CA ASP A 147 -18.40 -25.54 14.59
C ASP A 147 -17.86 -25.40 15.99
N LEU A 148 -16.70 -24.79 16.16
CA LEU A 148 -16.22 -24.47 17.50
C LEU A 148 -16.95 -23.27 18.12
N GLY A 149 -17.62 -22.46 17.29
CA GLY A 149 -18.25 -21.25 17.79
C GLY A 149 -17.74 -19.96 17.16
N VAL A 150 -16.62 -20.01 16.44
CA VAL A 150 -15.98 -18.84 15.85
C VAL A 150 -16.85 -18.20 14.77
N LYS A 151 -16.77 -16.89 14.63
CA LYS A 151 -17.57 -16.15 13.65
C LYS A 151 -16.71 -15.76 12.45
N VAL A 152 -17.34 -15.52 11.32
CA VAL A 152 -16.60 -15.22 10.11
C VAL A 152 -17.09 -13.92 9.48
N SER A 153 -16.15 -13.03 9.13
CA SER A 153 -16.55 -11.80 8.46
C SER A 153 -15.74 -11.63 7.21
N MSE A 154 -16.10 -10.63 6.40
CA MSE A 154 -15.33 -10.31 5.22
C MSE A 154 -15.23 -8.81 5.13
O MSE A 154 -16.21 -8.11 5.35
CB MSE A 154 -15.98 -10.88 3.96
CG MSE A 154 -17.43 -10.46 3.76
SE MSE A 154 -18.24 -11.15 2.16
CE MSE A 154 -17.09 -10.16 0.86
N ASP A 155 -14.05 -8.31 4.82
CA ASP A 155 -13.91 -6.88 4.79
C ASP A 155 -14.08 -6.27 3.43
N ASP A 156 -14.16 -4.95 3.40
CA ASP A 156 -14.21 -4.17 2.17
C ASP A 156 -15.22 -4.72 1.17
N PHE A 157 -16.39 -5.04 1.65
CA PHE A 157 -17.43 -5.49 0.76
C PHE A 157 -17.72 -4.39 -0.25
N GLY A 158 -17.95 -4.76 -1.50
CA GLY A 158 -18.19 -3.78 -2.54
C GLY A 158 -16.94 -3.55 -3.36
N LYS A 159 -15.78 -3.58 -2.70
CA LYS A 159 -14.47 -3.35 -3.29
C LYS A 159 -13.80 -4.62 -3.86
N GLY A 160 -13.33 -4.53 -5.11
CA GLY A 160 -12.58 -5.61 -5.70
C GLY A 160 -13.38 -6.75 -6.31
N TYR A 161 -12.80 -7.94 -6.36
CA TYR A 161 -13.47 -9.07 -7.00
C TYR A 161 -14.42 -9.92 -6.11
N SER A 162 -15.56 -10.22 -6.71
CA SER A 162 -16.47 -11.27 -6.30
C SER A 162 -17.11 -11.21 -4.90
N SER A 163 -17.43 -10.02 -4.44
CA SER A 163 -17.94 -9.81 -3.11
C SER A 163 -19.20 -10.66 -2.93
N LEU A 164 -20.13 -10.53 -3.88
CA LEU A 164 -21.36 -11.31 -3.85
C LEU A 164 -21.09 -12.80 -3.99
N ALA A 165 -20.01 -13.16 -4.68
CA ALA A 165 -19.63 -14.56 -4.79
C ALA A 165 -19.14 -15.14 -3.46
N TYR A 166 -18.28 -14.40 -2.75
CA TYR A 166 -17.87 -14.86 -1.43
C TYR A 166 -19.05 -14.96 -0.48
N LEU A 167 -19.94 -14.00 -0.58
CA LEU A 167 -21.09 -13.94 0.28
C LEU A 167 -21.96 -15.16 0.02
N ARG A 168 -22.05 -15.55 -1.26
CA ARG A 168 -22.88 -16.66 -1.66
C ARG A 168 -22.33 -17.94 -1.12
N SER A 169 -21.02 -18.10 -1.28
CA SER A 169 -20.36 -19.38 -1.21
C SER A 169 -19.78 -19.68 0.16
N LEU A 170 -19.51 -18.65 0.94
CA LEU A 170 -18.88 -18.87 2.22
C LEU A 170 -19.86 -18.59 3.37
N PRO A 171 -19.68 -19.28 4.51
CA PRO A 171 -20.54 -19.06 5.69
C PRO A 171 -20.18 -17.75 6.43
N ILE A 172 -20.46 -16.65 5.73
CA ILE A 172 -20.22 -15.30 6.20
C ILE A 172 -21.27 -14.87 7.23
N ASP A 173 -20.81 -14.48 8.42
CA ASP A 173 -21.72 -13.95 9.44
C ASP A 173 -21.83 -12.42 9.38
N ILE A 174 -20.76 -11.77 8.97
CA ILE A 174 -20.59 -10.32 9.10
C ILE A 174 -19.94 -9.78 7.83
N VAL A 175 -20.51 -8.73 7.26
CA VAL A 175 -19.91 -8.08 6.11
C VAL A 175 -19.39 -6.74 6.60
N LYS A 176 -18.13 -6.43 6.26
CA LYS A 176 -17.56 -5.15 6.58
C LYS A 176 -17.41 -4.33 5.29
N THR A 177 -17.74 -3.04 5.37
CA THR A 177 -17.51 -2.15 4.24
C THR A 177 -16.37 -1.18 4.51
N ASP A 178 -15.78 -0.60 3.48
CA ASP A 178 -14.70 0.34 3.74
C ASP A 178 -15.17 1.79 3.85
N MSE A 179 -14.22 2.65 4.20
CA MSE A 179 -14.51 4.05 4.45
C MSE A 179 -15.25 4.71 3.28
O MSE A 179 -16.10 5.56 3.51
CB MSE A 179 -13.19 4.75 4.75
CG MSE A 179 -12.30 4.70 3.59
SE MSE A 179 -12.51 6.29 2.50
CE MSE A 179 -11.25 7.27 3.50
N SER A 180 -14.92 4.33 2.04
CA SER A 180 -15.52 4.98 0.87
C SER A 180 -16.93 4.52 0.55
N PHE A 181 -17.33 3.39 1.10
CA PHE A 181 -18.68 2.93 0.90
C PHE A 181 -19.65 3.88 1.58
N ILE A 182 -19.15 4.61 2.58
CA ILE A 182 -20.01 5.49 3.36
C ILE A 182 -19.58 6.95 3.21
N ALA A 183 -18.71 7.20 2.24
CA ALA A 183 -18.20 8.54 1.98
C ALA A 183 -19.15 9.37 1.11
N LEU A 184 -19.14 10.69 1.30
CA LEU A 184 -19.88 11.62 0.44
C LEU A 184 -21.43 11.44 0.36
N LEU A 185 -22.05 10.86 1.39
CA LEU A 185 -23.47 10.53 1.34
C LEU A 185 -24.46 11.71 1.35
N LYS A 186 -23.97 12.90 1.68
N LYS A 186 -23.99 12.91 1.67
CA LYS A 186 -24.86 14.08 1.67
CA LYS A 186 -24.89 14.06 1.69
C LYS A 186 -25.53 14.33 0.31
C LYS A 186 -25.48 14.42 0.31
N THR A 187 -24.85 13.95 -0.77
CA THR A 187 -25.34 14.22 -2.12
C THR A 187 -25.47 12.95 -2.97
N ASP A 188 -25.14 11.82 -2.39
CA ASP A 188 -25.14 10.55 -3.09
C ASP A 188 -26.38 9.73 -2.79
N ARG A 189 -27.46 10.08 -3.45
CA ARG A 189 -28.68 9.32 -3.29
C ARG A 189 -28.50 7.87 -3.69
N LYS A 190 -27.86 7.66 -4.83
CA LYS A 190 -27.59 6.31 -5.28
C LYS A 190 -26.83 5.47 -4.24
N GLN A 191 -25.79 6.01 -3.61
CA GLN A 191 -25.09 5.21 -2.63
C GLN A 191 -25.96 4.91 -1.42
N GLN A 192 -26.80 5.85 -1.04
CA GLN A 192 -27.66 5.55 0.10
C GLN A 192 -28.61 4.40 -0.23
N ILE A 193 -29.12 4.40 -1.44
CA ILE A 193 -29.97 3.31 -1.92
C ILE A 193 -29.20 1.99 -1.85
N ILE A 194 -27.97 2.03 -2.32
CA ILE A 194 -27.08 0.88 -2.31
C ILE A 194 -26.76 0.37 -0.91
N ILE A 195 -26.42 1.29 -0.03
CA ILE A 195 -26.15 0.89 1.34
C ILE A 195 -27.34 0.18 2.00
N ARG A 196 -28.49 0.81 1.96
N ARG A 196 -28.51 0.78 1.98
CA ARG A 196 -29.69 0.24 2.51
CA ARG A 196 -29.66 0.13 2.56
C ARG A 196 -30.00 -1.15 1.91
C ARG A 196 -29.91 -1.24 1.92
N ALA A 197 -29.72 -1.33 0.62
CA ALA A 197 -29.98 -2.59 -0.08
C ALA A 197 -29.05 -3.69 0.43
N ILE A 198 -27.82 -3.32 0.67
CA ILE A 198 -26.83 -4.25 1.14
C ILE A 198 -27.09 -4.61 2.59
N VAL A 199 -27.42 -3.64 3.42
CA VAL A 199 -27.73 -3.92 4.82
C VAL A 199 -28.92 -4.86 4.85
N ASN A 200 -29.95 -4.56 4.07
N ASN A 200 -29.94 -4.59 4.05
CA ASN A 200 -31.12 -5.46 4.01
CA ASN A 200 -31.10 -5.46 4.00
C ASN A 200 -30.77 -6.86 3.51
C ASN A 200 -30.78 -6.86 3.49
N LEU A 201 -29.91 -6.93 2.51
CA LEU A 201 -29.42 -8.20 2.01
C LEU A 201 -28.73 -9.01 3.11
N CYS A 202 -27.79 -8.40 3.80
N CYS A 202 -27.78 -8.39 3.80
CA CYS A 202 -27.06 -9.09 4.86
CA CYS A 202 -27.04 -9.07 4.85
C CYS A 202 -28.02 -9.58 5.93
C CYS A 202 -27.99 -9.56 5.94
N HIS A 203 -28.96 -8.73 6.30
CA HIS A 203 -29.94 -9.10 7.29
C HIS A 203 -30.79 -10.26 6.81
N ASP A 204 -31.16 -10.27 5.52
CA ASP A 204 -31.96 -11.38 4.99
C ASP A 204 -31.17 -12.70 4.93
N LEU A 205 -29.85 -12.61 4.90
CA LEU A 205 -29.01 -13.77 4.92
C LEU A 205 -28.60 -14.20 6.35
N GLY A 206 -29.26 -13.65 7.36
CA GLY A 206 -28.99 -14.00 8.75
C GLY A 206 -27.79 -13.32 9.40
N GLY A 207 -27.17 -12.39 8.67
CA GLY A 207 -25.97 -11.73 9.14
C GLY A 207 -26.13 -10.27 9.53
N LYS A 208 -24.99 -9.64 9.84
CA LYS A 208 -24.93 -8.25 10.28
C LYS A 208 -23.83 -7.48 9.55
N VAL A 209 -23.84 -6.17 9.68
CA VAL A 209 -22.98 -5.31 8.92
C VAL A 209 -22.17 -4.39 9.85
N VAL A 210 -20.87 -4.26 9.58
CA VAL A 210 -19.98 -3.29 10.22
C VAL A 210 -19.55 -2.26 9.16
N THR A 211 -19.90 -0.99 9.31
CA THR A 211 -19.32 -0.02 8.39
C THR A 211 -18.04 0.54 8.98
N GLU A 212 -16.92 0.43 8.26
CA GLU A 212 -15.67 1.00 8.73
C GLU A 212 -15.58 2.45 8.27
N GLY A 213 -14.65 3.21 8.85
CA GLY A 213 -14.32 4.51 8.33
C GLY A 213 -15.26 5.58 8.80
N VAL A 214 -15.98 5.33 9.88
CA VAL A 214 -16.95 6.30 10.38
C VAL A 214 -16.25 7.52 10.98
N GLU A 215 -16.51 8.69 10.40
CA GLU A 215 -15.72 9.88 10.67
C GLU A 215 -16.49 10.99 11.39
N ASP A 216 -17.82 10.98 11.32
CA ASP A 216 -18.58 12.04 11.99
C ASP A 216 -19.99 11.63 12.32
N MSE A 217 -20.69 12.48 13.09
CA MSE A 217 -22.04 12.18 13.59
C MSE A 217 -23.06 12.11 12.47
O MSE A 217 -24.00 11.34 12.53
CB MSE A 217 -22.45 13.22 14.66
CG MSE A 217 -23.89 13.06 15.27
SE MSE A 217 -24.40 11.21 15.73
CE MSE A 217 -25.91 11.38 16.95
N GLU A 218 -22.88 12.94 11.43
N GLU A 218 -22.87 12.95 11.45
CA GLU A 218 -23.80 12.95 10.30
CA GLU A 218 -23.76 12.97 10.29
C GLU A 218 -23.86 11.57 9.63
C GLU A 218 -23.86 11.58 9.65
N GLN A 219 -22.70 10.96 9.44
CA GLN A 219 -22.65 9.58 8.97
C GLN A 219 -23.41 8.65 9.91
N VAL A 220 -23.18 8.79 11.21
CA VAL A 220 -23.82 7.92 12.16
C VAL A 220 -25.36 7.98 12.08
N GLU A 221 -25.88 9.19 11.96
CA GLU A 221 -27.32 9.38 11.84
C GLU A 221 -27.91 8.61 10.66
N LYS A 222 -27.25 8.72 9.50
CA LYS A 222 -27.72 8.04 8.30
C LYS A 222 -27.60 6.53 8.42
N LEU A 223 -26.44 6.06 8.85
CA LEU A 223 -26.16 4.62 8.92
C LEU A 223 -27.02 3.95 9.96
N ARG A 224 -27.24 4.65 11.07
N ARG A 224 -27.22 4.61 11.09
CA ARG A 224 -28.15 4.18 12.09
CA ARG A 224 -28.08 4.05 12.12
C ARG A 224 -29.54 4.03 11.46
C ARG A 224 -29.49 3.88 11.56
N GLU A 225 -29.98 5.02 10.70
N GLU A 225 -29.93 4.85 10.78
CA GLU A 225 -31.29 4.91 10.08
CA GLU A 225 -31.26 4.76 10.20
C GLU A 225 -31.33 3.76 9.06
C GLU A 225 -31.34 3.77 9.03
N MSE A 226 -30.20 3.46 8.43
CA MSE A 226 -30.15 2.38 7.43
C MSE A 226 -30.04 0.98 8.06
O MSE A 226 -30.01 -0.03 7.33
CB MSE A 226 -29.00 2.60 6.49
CG MSE A 226 -29.13 3.87 5.78
SE MSE A 226 -27.50 4.22 4.83
CE MSE A 226 -27.87 5.95 4.07
N LYS A 227 -29.98 0.95 9.40
CA LYS A 227 -29.98 -0.26 10.23
C LYS A 227 -28.64 -1.01 10.24
N VAL A 228 -27.56 -0.28 9.95
CA VAL A 228 -26.22 -0.81 10.08
C VAL A 228 -26.07 -1.30 11.52
N ASP A 229 -25.47 -2.47 11.71
CA ASP A 229 -25.41 -3.04 13.05
C ASP A 229 -24.26 -2.53 13.92
N TYR A 230 -23.12 -2.25 13.31
CA TYR A 230 -21.94 -1.83 14.06
C TYR A 230 -21.15 -0.79 13.29
N PHE A 231 -20.43 0.05 14.03
CA PHE A 231 -19.58 1.08 13.47
C PHE A 231 -18.14 0.88 13.94
N GLN A 232 -17.22 1.33 13.10
CA GLN A 232 -15.80 1.41 13.40
C GLN A 232 -15.31 2.69 12.74
N GLY A 233 -14.39 3.42 13.34
CA GLY A 233 -13.84 4.56 12.65
C GLY A 233 -13.20 5.52 13.58
N TYR A 234 -12.46 6.47 13.01
CA TYR A 234 -11.73 7.47 13.78
C TYR A 234 -12.67 8.25 14.70
N TYR A 235 -13.94 8.31 14.32
CA TYR A 235 -14.93 9.03 15.10
C TYR A 235 -15.10 8.44 16.49
N PHE A 236 -14.96 7.13 16.61
CA PHE A 236 -14.89 6.51 17.94
C PHE A 236 -13.45 6.47 18.46
N SER A 237 -12.63 5.65 17.82
CA SER A 237 -11.19 5.56 18.13
C SER A 237 -10.42 5.00 16.94
N ARG A 238 -9.23 5.55 16.67
CA ARG A 238 -8.31 4.96 15.73
C ARG A 238 -7.75 3.69 16.39
N PRO A 239 -6.95 2.91 15.66
CA PRO A 239 -6.40 1.71 16.33
C PRO A 239 -5.44 2.07 17.50
N LEU A 240 -5.54 1.34 18.61
CA LEU A 240 -4.67 1.59 19.78
C LEU A 240 -4.14 0.29 20.42
N PRO A 241 -2.97 0.36 21.11
CA PRO A 241 -2.63 -0.81 21.91
C PRO A 241 -3.61 -0.98 23.07
N MSE A 242 -3.78 -2.20 23.56
CA MSE A 242 -4.82 -2.49 24.54
C MSE A 242 -4.66 -1.69 25.83
O MSE A 242 -5.64 -1.33 26.45
CB MSE A 242 -4.88 -3.99 24.82
CG MSE A 242 -6.02 -4.41 25.69
SE MSE A 242 -7.79 -3.93 24.99
CE MSE A 242 -8.21 -5.40 23.78
N GLU A 243 -3.42 -1.41 26.23
N GLU A 243 -3.42 -1.40 26.23
CA GLU A 243 -3.18 -0.60 27.43
CA GLU A 243 -3.19 -0.61 27.42
C GLU A 243 -3.80 0.78 27.27
C GLU A 243 -3.79 0.78 27.26
N GLU A 244 -3.68 1.35 26.07
CA GLU A 244 -4.27 2.63 25.80
C GLU A 244 -5.80 2.51 25.61
N ILE A 245 -6.24 1.44 24.97
CA ILE A 245 -7.67 1.14 24.91
C ILE A 245 -8.27 1.14 26.31
N LYS A 246 -7.61 0.47 27.23
CA LYS A 246 -8.09 0.37 28.59
C LYS A 246 -8.11 1.72 29.32
N GLN A 247 -7.15 2.59 29.01
CA GLN A 247 -7.14 3.93 29.62
C GLN A 247 -8.37 4.68 29.14
N LYS A 248 -8.64 4.60 27.84
CA LYS A 248 -9.73 5.38 27.28
C LYS A 248 -11.05 4.83 27.74
N TYR A 249 -11.17 3.50 27.78
CA TYR A 249 -12.47 2.87 28.03
C TYR A 249 -12.45 2.07 29.29
N SER A 250 -12.96 2.66 30.36
CA SER A 250 -12.95 2.01 31.66
C SER A 250 -13.84 0.77 31.69
N ILE A 251 -14.83 0.70 30.82
CA ILE A 251 -15.67 -0.49 30.71
C ILE A 251 -14.86 -1.72 30.25
N VAL A 252 -13.70 -1.48 29.63
CA VAL A 252 -12.84 -2.54 29.09
C VAL A 252 -11.88 -3.11 30.13
N ALA B 3 -7.10 1.01 9.26
CA ALA B 3 -5.92 1.12 10.11
C ALA B 3 -5.24 2.45 9.90
N MSE B 4 -5.82 3.51 10.42
CA MSE B 4 -5.14 4.77 10.36
C MSE B 4 -4.92 5.54 11.63
O MSE B 4 -5.86 5.86 12.39
CB MSE B 4 -5.75 5.69 9.31
CG MSE B 4 -4.71 6.21 8.31
SE MSE B 4 -2.82 5.86 8.77
CE MSE B 4 -2.09 6.40 7.03
N ASP B 5 -3.66 5.92 11.81
CA ASP B 5 -3.19 6.76 12.87
C ASP B 5 -3.84 8.13 12.77
N ILE B 6 -4.19 8.55 11.57
CA ILE B 6 -4.97 9.78 11.42
C ILE B 6 -6.30 9.52 10.71
N SER B 7 -7.25 10.44 10.90
CA SER B 7 -8.58 10.30 10.34
C SER B 7 -8.55 10.38 8.83
N SER B 8 -9.48 9.75 8.14
CA SER B 8 -9.61 9.98 6.72
C SER B 8 -9.97 11.45 6.41
N THR B 9 -10.81 12.05 7.24
CA THR B 9 -11.16 13.46 7.05
C THR B 9 -9.98 14.41 6.85
N GLU B 10 -9.02 14.35 7.76
CA GLU B 10 -7.83 15.19 7.68
C GLU B 10 -7.07 14.98 6.37
N ILE B 11 -6.99 13.73 5.93
CA ILE B 11 -6.46 13.39 4.61
C ILE B 11 -7.21 14.06 3.45
N TRP B 12 -8.52 13.84 3.38
CA TRP B 12 -9.35 14.34 2.30
C TRP B 12 -9.29 15.85 2.26
N ASP B 13 -9.21 16.58 3.37
N ASP B 13 -9.23 16.57 3.37
CA ASP B 13 -9.11 18.03 3.32
CA ASP B 13 -9.08 18.02 3.39
C ASP B 13 -7.76 18.49 2.78
C ASP B 13 -7.77 18.45 2.75
N ALA B 14 -6.71 17.72 3.04
CA ALA B 14 -5.40 18.07 2.49
C ALA B 14 -5.39 17.91 0.96
N ILE B 15 -5.97 16.83 0.48
CA ILE B 15 -6.12 16.63 -0.94
C ILE B 15 -6.94 17.74 -1.63
N ARG B 16 -7.94 18.27 -0.95
CA ARG B 16 -8.74 19.40 -1.46
C ARG B 16 -7.98 20.72 -1.47
N ARG B 17 -7.13 20.93 -0.46
CA ARG B 17 -6.22 22.06 -0.45
C ARG B 17 -5.10 21.91 -1.51
N ASN B 18 -5.08 20.81 -2.25
CA ASN B 18 -3.96 20.49 -3.15
C ASN B 18 -2.65 20.64 -2.43
N SER B 19 -2.63 20.09 -1.24
CA SER B 19 -1.54 20.26 -0.33
C SER B 19 -0.45 19.16 -0.53
N TYR B 20 0.28 19.20 -1.64
CA TYR B 20 1.30 18.19 -1.94
C TYR B 20 2.69 18.75 -1.75
N LEU B 21 3.67 17.88 -1.51
CA LEU B 21 5.08 18.27 -1.52
C LEU B 21 5.80 17.35 -2.47
N LEU B 22 6.79 17.83 -3.21
CA LEU B 22 7.59 16.89 -3.98
C LEU B 22 8.90 16.68 -3.22
N TYR B 23 9.18 15.43 -2.87
CA TYR B 23 10.43 15.06 -2.25
C TYR B 23 11.30 14.46 -3.32
N TYR B 24 12.60 14.31 -3.03
CA TYR B 24 13.61 13.93 -4.02
C TYR B 24 14.56 12.90 -3.44
N GLN B 25 14.81 11.81 -4.17
CA GLN B 25 15.79 10.85 -3.70
C GLN B 25 16.99 10.80 -4.68
N PRO B 26 18.24 11.08 -4.20
CA PRO B 26 19.36 11.12 -5.14
C PRO B 26 19.58 9.78 -5.87
N LYS B 27 20.01 9.89 -7.12
CA LYS B 27 20.54 8.77 -7.86
C LYS B 27 22.02 9.11 -8.10
N VAL B 28 22.87 8.12 -7.88
CA VAL B 28 24.31 8.30 -7.88
C VAL B 28 24.92 7.46 -9.00
N ASP B 29 25.89 8.01 -9.71
CA ASP B 29 26.64 7.23 -10.67
C ASP B 29 27.43 6.09 -9.98
N ALA B 30 27.34 4.85 -10.48
CA ALA B 30 28.00 3.72 -9.83
C ALA B 30 29.53 3.81 -9.76
N LYS B 31 30.10 4.46 -10.76
CA LYS B 31 31.54 4.61 -10.85
C LYS B 31 32.06 5.75 -10.01
N THR B 32 31.66 6.96 -10.35
CA THR B 32 32.17 8.20 -9.77
C THR B 32 31.53 8.53 -8.44
N ASN B 33 30.52 7.75 -8.06
CA ASN B 33 29.72 7.99 -6.86
C ASN B 33 29.17 9.44 -6.72
N LYS B 34 28.99 10.10 -7.84
CA LYS B 34 28.50 11.47 -7.88
C LYS B 34 26.98 11.45 -8.08
N ILE B 35 26.27 12.40 -7.44
CA ILE B 35 24.84 12.56 -7.66
C ILE B 35 24.63 13.04 -9.07
N ILE B 36 23.86 12.30 -9.85
CA ILE B 36 23.59 12.67 -11.25
C ILE B 36 22.16 13.23 -11.49
N GLY B 37 21.27 12.99 -10.53
CA GLY B 37 19.89 13.41 -10.62
C GLY B 37 19.06 12.92 -9.45
N PHE B 38 17.76 13.11 -9.52
CA PHE B 38 16.87 12.77 -8.42
C PHE B 38 15.63 12.07 -8.92
N GLU B 39 15.07 11.21 -8.09
CA GLU B 39 13.69 10.77 -8.29
C GLU B 39 12.70 11.66 -7.50
N GLY B 40 11.71 12.22 -8.19
CA GLY B 40 10.71 13.03 -7.54
C GLY B 40 9.68 12.10 -6.95
N LEU B 41 9.34 12.31 -5.69
CA LEU B 41 8.43 11.43 -5.01
C LEU B 41 7.40 12.29 -4.32
N VAL B 42 6.14 12.24 -4.77
CA VAL B 42 5.10 13.08 -4.19
C VAL B 42 4.79 12.71 -2.73
N ARG B 43 4.49 13.72 -1.93
CA ARG B 43 4.07 13.56 -0.55
C ARG B 43 2.83 14.39 -0.36
N LEU B 44 2.01 14.02 0.61
CA LEU B 44 0.85 14.82 0.97
C LEU B 44 1.12 15.37 2.35
N LYS B 45 1.11 16.68 2.48
CA LYS B 45 1.30 17.30 3.77
C LYS B 45 -0.08 17.54 4.34
N THR B 46 -0.37 16.92 5.48
CA THR B 46 -1.66 17.15 6.18
C THR B 46 -1.43 18.05 7.39
N ALA B 47 -2.43 18.09 8.27
CA ALA B 47 -2.36 18.97 9.42
C ALA B 47 -1.28 18.50 10.37
N THR B 48 -1.21 17.19 10.56
CA THR B 48 -0.42 16.64 11.64
C THR B 48 0.80 15.85 11.17
N THR B 49 0.95 15.68 9.86
CA THR B 49 2.01 14.82 9.35
C THR B 49 2.21 15.01 7.85
N ILE B 50 3.11 14.19 7.28
CA ILE B 50 3.39 14.15 5.85
C ILE B 50 3.32 12.70 5.39
N LEU B 51 2.44 12.44 4.44
CA LEU B 51 2.15 11.08 3.97
C LEU B 51 2.76 10.78 2.61
N ALA B 52 3.19 9.51 2.46
CA ALA B 52 3.66 8.91 1.21
C ALA B 52 2.49 8.31 0.40
N PRO B 53 2.59 8.26 -0.95
CA PRO B 53 1.50 7.87 -1.87
C PRO B 53 0.80 6.54 -1.57
N ILE B 54 1.53 5.62 -0.97
CA ILE B 54 0.99 4.31 -0.62
C ILE B 54 -0.14 4.41 0.41
N ASP B 55 -0.06 5.41 1.27
CA ASP B 55 -1.10 5.66 2.25
C ASP B 55 -2.32 6.37 1.66
N PHE B 56 -2.12 7.51 1.01
CA PHE B 56 -3.21 8.34 0.53
C PHE B 56 -3.75 8.04 -0.88
N PHE B 57 -3.29 6.97 -1.52
CA PHE B 57 -3.74 6.70 -2.89
C PHE B 57 -5.28 6.57 -2.95
N ASP B 58 -5.85 5.82 -2.01
CA ASP B 58 -7.21 5.42 -2.16
C ASP B 58 -8.05 6.66 -2.23
N ASP B 59 -7.74 7.60 -1.37
CA ASP B 59 -8.50 8.82 -1.26
C ASP B 59 -8.45 9.65 -2.56
N ILE B 60 -7.29 9.72 -3.20
CA ILE B 60 -7.13 10.54 -4.40
C ILE B 60 -8.04 10.10 -5.55
N VAL B 61 -8.08 8.80 -5.81
CA VAL B 61 -8.98 8.17 -6.74
C VAL B 61 -10.43 8.46 -6.38
N LEU B 62 -10.83 8.14 -5.16
CA LEU B 62 -12.19 8.42 -4.68
C LEU B 62 -12.58 9.92 -4.70
N LEU B 63 -11.59 10.78 -4.62
CA LEU B 63 -11.84 12.20 -4.71
C LEU B 63 -11.55 12.69 -6.14
N ASN B 64 -11.33 11.74 -7.05
N ASN B 64 -11.19 11.74 -6.99
CA ASN B 64 -10.92 12.01 -8.44
CA ASN B 64 -10.93 12.02 -8.40
C ASN B 64 -9.88 13.15 -8.57
C ASN B 64 -9.88 13.12 -8.57
N ALA B 65 -8.86 13.10 -7.73
CA ALA B 65 -7.82 14.13 -7.64
C ALA B 65 -6.50 13.79 -8.35
N THR B 66 -6.50 12.67 -9.07
CA THR B 66 -5.30 12.17 -9.71
C THR B 66 -4.73 13.21 -10.68
N ARG B 67 -5.59 13.96 -11.35
CA ARG B 67 -5.11 14.92 -12.31
C ARG B 67 -4.35 16.07 -11.64
N GLU B 68 -4.88 16.56 -10.54
N GLU B 68 -4.94 16.62 -10.59
CA GLU B 68 -4.26 17.65 -9.81
CA GLU B 68 -4.33 17.65 -9.75
C GLU B 68 -2.89 17.22 -9.32
C GLU B 68 -2.93 17.24 -9.29
N MSE B 69 -2.82 15.99 -8.85
CA MSE B 69 -1.61 15.52 -8.26
C MSE B 69 -0.51 15.43 -9.31
O MSE B 69 0.59 15.94 -9.11
CB MSE B 69 -1.85 14.19 -7.53
CG MSE B 69 -0.80 13.85 -6.52
SE MSE B 69 -0.80 11.98 -6.02
CE MSE B 69 -1.23 11.32 -7.78
N GLN B 70 -0.84 14.81 -10.45
CA GLN B 70 0.11 14.70 -11.58
C GLN B 70 0.59 16.06 -12.00
N ASP B 71 -0.36 16.99 -12.17
CA ASP B 71 -0.07 18.34 -12.59
C ASP B 71 0.91 18.98 -11.60
N PHE B 72 0.61 18.83 -10.31
CA PHE B 72 1.49 19.32 -9.25
C PHE B 72 2.90 18.76 -9.44
N VAL B 73 2.99 17.43 -9.54
CA VAL B 73 4.26 16.73 -9.69
C VAL B 73 5.03 17.26 -10.91
N ALA B 74 4.37 17.41 -12.04
CA ALA B 74 5.07 17.86 -13.22
C ALA B 74 5.51 19.32 -13.13
N GLU B 75 4.63 20.18 -12.66
CA GLU B 75 5.00 21.58 -12.58
C GLU B 75 6.09 21.89 -11.56
N THR B 76 5.97 21.28 -10.40
CA THR B 76 6.98 21.40 -9.36
C THR B 76 8.32 20.88 -9.87
N ALA B 77 8.32 19.74 -10.56
CA ALA B 77 9.56 19.17 -11.08
C ALA B 77 10.19 20.08 -12.13
N ILE B 78 9.37 20.59 -13.03
CA ILE B 78 9.90 21.45 -14.08
C ILE B 78 10.55 22.71 -13.51
N LYS B 79 9.91 23.32 -12.52
CA LYS B 79 10.49 24.48 -11.87
C LYS B 79 11.84 24.12 -11.24
N GLN B 80 11.87 22.99 -10.55
CA GLN B 80 13.07 22.54 -9.88
C GLN B 80 14.26 22.24 -10.81
N ILE B 81 13.99 21.65 -11.96
CA ILE B 81 15.00 21.35 -12.96
C ILE B 81 15.54 22.68 -13.48
N ASN B 82 14.63 23.60 -13.79
CA ASN B 82 15.02 24.94 -14.27
C ASN B 82 15.95 25.62 -13.31
N GLN B 83 15.64 25.52 -12.02
CA GLN B 83 16.51 26.11 -11.00
C GLN B 83 17.94 25.56 -10.98
N LEU B 84 18.10 24.26 -11.24
CA LEU B 84 19.39 23.60 -11.06
C LEU B 84 20.27 23.74 -12.28
N GLY B 85 19.90 24.63 -13.18
CA GLY B 85 20.81 24.99 -14.24
C GLY B 85 21.18 23.88 -15.19
N GLY B 86 20.41 22.80 -15.18
CA GLY B 86 20.61 21.70 -16.11
C GLY B 86 21.62 20.73 -15.60
N ARG B 87 22.04 20.92 -14.35
CA ARG B 87 23.12 20.12 -13.79
C ARG B 87 22.62 18.81 -13.28
N PHE B 88 21.31 18.71 -13.08
CA PHE B 88 20.72 17.49 -12.50
C PHE B 88 19.44 17.11 -13.23
N SER B 89 19.21 15.81 -13.44
CA SER B 89 17.92 15.32 -13.93
C SER B 89 16.95 15.10 -12.78
N ILE B 90 15.67 15.25 -13.05
CA ILE B 90 14.62 14.92 -12.08
C ILE B 90 13.55 14.10 -12.77
N SER B 91 13.18 12.97 -12.16
CA SER B 91 12.09 12.14 -12.71
C SER B 91 10.74 12.43 -12.06
N ILE B 92 9.67 12.18 -12.81
CA ILE B 92 8.31 12.19 -12.27
C ILE B 92 7.63 10.87 -12.60
N ASN B 93 6.85 10.39 -11.64
CA ASN B 93 6.13 9.15 -11.81
C ASN B 93 4.84 9.42 -12.51
N ILE B 94 4.66 8.78 -13.66
CA ILE B 94 3.40 8.88 -14.36
C ILE B 94 2.87 7.47 -14.58
N PRO B 95 1.68 7.20 -14.05
CA PRO B 95 1.01 5.91 -14.22
C PRO B 95 0.85 5.53 -15.68
N ALA B 96 0.96 4.24 -15.97
CA ALA B 96 0.81 3.74 -17.33
C ALA B 96 -0.47 4.27 -18.03
N HIS B 97 -1.59 4.27 -17.32
N HIS B 97 -1.58 4.33 -17.32
CA HIS B 97 -2.85 4.87 -17.79
CA HIS B 97 -2.82 4.84 -17.92
C HIS B 97 -2.70 6.28 -18.37
C HIS B 97 -2.76 6.32 -18.34
N TYR B 98 -1.97 7.12 -17.65
CA TYR B 98 -1.69 8.49 -18.07
C TYR B 98 -0.74 8.56 -19.28
N VAL B 99 0.27 7.70 -19.31
CA VAL B 99 1.17 7.64 -20.45
C VAL B 99 0.42 7.24 -21.73
N ALA B 100 -0.60 6.40 -21.57
CA ALA B 100 -1.36 5.90 -22.70
C ALA B 100 -2.50 6.82 -23.10
N SER B 101 -2.68 7.90 -22.35
CA SER B 101 -3.67 8.93 -22.66
C SER B 101 -3.08 10.02 -23.56
N SER B 102 -3.56 10.09 -24.79
CA SER B 102 -3.06 11.10 -25.69
C SER B 102 -3.47 12.45 -25.18
N THR B 103 -4.64 12.54 -24.59
CA THR B 103 -5.10 13.82 -24.12
C THR B 103 -4.20 14.35 -23.01
N TYR B 104 -3.84 13.49 -22.06
CA TYR B 104 -2.87 13.91 -21.04
C TYR B 104 -1.51 14.16 -21.64
N MSE B 105 -1.04 13.26 -22.49
CA MSE B 105 0.35 13.33 -22.93
C MSE B 105 0.56 14.49 -23.89
O MSE B 105 1.68 14.94 -24.11
CB MSE B 105 0.80 12.00 -23.54
CG MSE B 105 0.97 10.88 -22.47
SE MSE B 105 2.38 11.25 -21.12
CE MSE B 105 3.91 10.71 -22.22
N THR B 106 -0.53 14.99 -24.44
CA THR B 106 -0.48 16.16 -25.31
C THR B 106 -0.35 17.40 -24.48
N PHE B 107 -1.16 17.50 -23.44
CA PHE B 107 -0.95 18.57 -22.48
C PHE B 107 0.44 18.60 -21.85
N LEU B 108 0.99 17.42 -21.56
CA LEU B 108 2.28 17.36 -20.89
C LEU B 108 3.38 17.80 -21.85
N HIS B 109 3.29 17.33 -23.07
CA HIS B 109 4.19 17.75 -24.14
C HIS B 109 4.18 19.26 -24.31
N ASP B 110 2.98 19.83 -24.26
CA ASP B 110 2.80 21.26 -24.44
C ASP B 110 3.33 22.04 -23.26
N TYR B 111 2.99 21.58 -22.07
CA TYR B 111 3.50 22.19 -20.86
C TYR B 111 5.05 22.11 -20.79
N VAL B 112 5.60 20.95 -21.13
CA VAL B 112 7.05 20.80 -21.20
C VAL B 112 7.69 21.75 -22.23
N LYS B 113 7.15 21.80 -23.42
CA LYS B 113 7.75 22.63 -24.46
C LYS B 113 7.75 24.09 -24.04
N GLU B 114 6.65 24.55 -23.45
CA GLU B 114 6.52 25.92 -22.97
C GLU B 114 7.38 26.30 -21.77
N HIS B 115 7.55 25.37 -20.84
CA HIS B 115 8.08 25.70 -19.52
C HIS B 115 9.48 25.15 -19.17
N LEU B 116 9.83 24.00 -19.70
CA LEU B 116 11.02 23.34 -19.21
C LEU B 116 12.18 23.83 -20.05
N LYS B 117 13.16 24.43 -19.41
CA LYS B 117 14.27 24.98 -20.18
C LYS B 117 15.30 23.90 -20.52
N TYR B 118 15.31 22.81 -19.76
CA TYR B 118 16.27 21.72 -19.91
C TYR B 118 15.54 20.38 -20.08
N PRO B 119 14.93 20.19 -21.25
CA PRO B 119 14.13 18.99 -21.47
C PRO B 119 14.92 17.70 -21.27
N GLU B 120 16.22 17.73 -21.58
CA GLU B 120 17.07 16.56 -21.41
C GLU B 120 17.24 16.15 -19.91
N CYS B 121 16.87 17.04 -18.99
CA CYS B 121 16.99 16.77 -17.58
C CYS B 121 15.69 16.29 -16.94
N LEU B 122 14.65 16.07 -17.74
CA LEU B 122 13.42 15.44 -17.23
C LEU B 122 13.41 13.99 -17.65
N GLU B 123 12.94 13.15 -16.73
CA GLU B 123 12.71 11.73 -16.94
C GLU B 123 11.25 11.41 -16.56
N ILE B 124 10.51 10.83 -17.50
CA ILE B 124 9.20 10.26 -17.20
C ILE B 124 9.42 8.83 -16.78
N GLU B 125 9.06 8.53 -15.53
CA GLU B 125 9.18 7.20 -14.99
C GLU B 125 7.80 6.53 -14.96
N ILE B 126 7.65 5.49 -15.76
CA ILE B 126 6.36 4.84 -15.96
C ILE B 126 6.10 3.92 -14.76
N ILE B 127 4.97 4.13 -14.10
CA ILE B 127 4.61 3.35 -12.93
C ILE B 127 3.26 2.64 -13.15
N GLU B 128 2.77 1.91 -12.13
CA GLU B 128 1.46 1.26 -12.19
C GLU B 128 1.24 0.50 -13.50
N ARG B 129 2.22 -0.28 -13.90
CA ARG B 129 2.18 -0.88 -15.19
C ARG B 129 1.29 -2.12 -15.16
N THR B 133 -1.63 -4.74 -22.10
CA THR B 133 -2.45 -3.81 -22.86
C THR B 133 -1.83 -3.48 -24.19
N GLU B 134 -2.58 -2.76 -25.01
CA GLU B 134 -2.07 -2.29 -26.26
C GLU B 134 -1.02 -1.23 -25.95
N LEU B 135 0.11 -1.24 -26.65
CA LEU B 135 1.19 -0.35 -26.28
C LEU B 135 1.46 0.69 -27.33
N ALA B 136 0.85 0.58 -28.50
CA ALA B 136 1.16 1.47 -29.61
C ALA B 136 0.87 2.96 -29.34
N ILE B 137 -0.25 3.25 -28.69
CA ILE B 137 -0.60 4.63 -28.33
C ILE B 137 0.39 5.17 -27.30
N ALA B 138 0.65 4.40 -26.26
CA ALA B 138 1.65 4.77 -25.29
C ALA B 138 3.00 5.06 -25.98
N ASP B 139 3.40 4.17 -26.88
CA ASP B 139 4.64 4.28 -27.63
C ASP B 139 4.70 5.62 -28.33
N LYS B 140 3.65 5.95 -29.06
CA LYS B 140 3.51 7.26 -29.73
C LYS B 140 3.52 8.50 -28.81
N ASN B 141 2.78 8.43 -27.71
CA ASN B 141 2.76 9.47 -26.68
C ASN B 141 4.16 9.79 -26.17
N LEU B 142 4.90 8.73 -25.84
CA LEU B 142 6.25 8.83 -25.36
C LEU B 142 7.14 9.41 -26.45
N ARG B 143 7.06 8.85 -27.65
CA ARG B 143 7.95 9.28 -28.72
C ARG B 143 7.87 10.78 -28.95
N LYS B 144 6.68 11.35 -28.79
CA LYS B 144 6.49 12.79 -28.99
C LYS B 144 7.15 13.62 -27.92
N ILE B 145 7.14 13.12 -26.70
N ILE B 145 7.16 13.10 -26.71
CA ILE B 145 7.80 13.86 -25.64
CA ILE B 145 7.79 13.82 -25.63
C ILE B 145 9.31 13.62 -25.75
C ILE B 145 9.30 13.61 -25.71
N LYS B 146 9.70 12.42 -26.16
CA LYS B 146 11.12 12.13 -26.40
C LYS B 146 11.68 13.05 -27.50
N ASP B 147 10.84 13.47 -28.43
CA ASP B 147 11.25 14.39 -29.50
C ASP B 147 11.75 15.71 -28.95
N LEU B 148 11.45 16.02 -27.70
CA LEU B 148 11.88 17.25 -27.08
C LEU B 148 13.21 17.09 -26.32
N GLY B 149 13.59 15.86 -26.05
CA GLY B 149 14.84 15.58 -25.37
C GLY B 149 14.66 14.83 -24.08
N VAL B 150 13.41 14.74 -23.63
CA VAL B 150 12.99 14.04 -22.41
C VAL B 150 13.34 12.55 -22.42
N LYS B 151 13.80 12.06 -21.27
CA LYS B 151 14.07 10.62 -21.09
C LYS B 151 12.88 9.84 -20.51
N VAL B 152 12.90 8.53 -20.71
CA VAL B 152 11.82 7.64 -20.27
C VAL B 152 12.36 6.41 -19.53
N SER B 153 11.89 6.20 -18.31
CA SER B 153 12.26 5.03 -17.56
C SER B 153 11.03 4.23 -17.18
N MSE B 154 11.23 3.04 -16.61
CA MSE B 154 10.11 2.22 -16.14
C MSE B 154 10.50 1.64 -14.81
O MSE B 154 11.65 1.26 -14.59
CB MSE B 154 9.77 1.11 -17.15
CG MSE B 154 10.88 0.11 -17.39
SE MSE B 154 10.48 -1.32 -18.69
CE MSE B 154 9.15 -2.30 -17.58
N ASP B 155 9.55 1.59 -13.89
CA ASP B 155 9.82 1.09 -12.54
C ASP B 155 9.62 -0.42 -12.42
N ASP B 156 9.94 -0.96 -11.26
CA ASP B 156 9.50 -2.30 -10.85
C ASP B 156 9.89 -3.39 -11.84
N PHE B 157 11.07 -3.28 -12.45
CA PHE B 157 11.31 -4.18 -13.56
C PHE B 157 11.26 -5.61 -13.10
N GLY B 158 10.33 -6.32 -13.70
CA GLY B 158 10.16 -7.74 -13.64
C GLY B 158 9.24 -8.17 -12.54
N LYS B 159 9.13 -7.36 -11.49
CA LYS B 159 8.04 -7.51 -10.54
C LYS B 159 6.71 -7.09 -11.15
N GLY B 160 6.69 -5.91 -11.76
CA GLY B 160 5.47 -5.35 -12.31
C GLY B 160 4.94 -6.15 -13.48
N TYR B 161 3.87 -5.68 -14.06
CA TYR B 161 3.26 -6.40 -15.12
C TYR B 161 4.10 -6.38 -16.37
N SER B 162 4.29 -7.54 -16.97
CA SER B 162 4.76 -7.65 -18.34
C SER B 162 5.92 -6.70 -18.62
N SER B 163 6.96 -6.79 -17.80
CA SER B 163 8.09 -5.89 -17.92
C SER B 163 8.81 -6.08 -19.24
N LEU B 164 8.88 -7.31 -19.71
CA LEU B 164 9.55 -7.58 -20.97
C LEU B 164 8.86 -6.96 -22.17
N ALA B 165 7.54 -6.91 -22.15
CA ALA B 165 6.76 -6.32 -23.22
C ALA B 165 6.87 -4.80 -23.23
N TYR B 166 6.87 -4.21 -22.04
CA TYR B 166 7.19 -2.80 -21.91
C TYR B 166 8.55 -2.50 -22.54
N LEU B 167 9.52 -3.31 -22.19
CA LEU B 167 10.86 -3.15 -22.70
C LEU B 167 10.92 -3.26 -24.22
N ARG B 168 10.18 -4.23 -24.75
CA ARG B 168 10.11 -4.48 -26.18
C ARG B 168 9.44 -3.36 -26.95
N SER B 169 8.28 -2.90 -26.46
CA SER B 169 7.42 -2.06 -27.29
C SER B 169 7.27 -0.58 -26.87
N LEU B 170 8.00 -0.15 -25.85
CA LEU B 170 8.05 1.28 -25.51
C LEU B 170 9.48 1.82 -25.70
N PRO B 171 9.63 3.14 -25.83
CA PRO B 171 10.96 3.68 -26.10
C PRO B 171 11.76 4.00 -24.82
N ILE B 172 12.02 2.95 -24.05
CA ILE B 172 12.63 3.05 -22.73
C ILE B 172 14.14 3.37 -22.79
N ASP B 173 14.56 4.35 -21.98
CA ASP B 173 15.97 4.72 -21.81
C ASP B 173 16.58 4.10 -20.55
N ILE B 174 15.80 4.02 -19.48
CA ILE B 174 16.32 3.57 -18.18
C ILE B 174 15.40 2.53 -17.56
N VAL B 175 15.99 1.42 -17.16
CA VAL B 175 15.29 0.38 -16.42
C VAL B 175 15.62 0.51 -14.95
N LYS B 176 14.58 0.62 -14.14
CA LYS B 176 14.73 0.70 -12.69
C LYS B 176 14.26 -0.62 -12.07
N THR B 177 15.01 -1.06 -11.07
CA THR B 177 14.69 -2.30 -10.37
C THR B 177 14.39 -1.99 -8.92
N ASP B 178 13.50 -2.75 -8.31
CA ASP B 178 13.14 -2.40 -6.97
C ASP B 178 13.96 -3.19 -5.97
N MSE B 179 13.72 -2.96 -4.69
CA MSE B 179 14.62 -3.38 -3.65
C MSE B 179 14.83 -4.89 -3.60
O MSE B 179 15.93 -5.32 -3.32
CB MSE B 179 14.18 -2.79 -2.32
CG MSE B 179 13.31 -3.71 -1.49
SE MSE B 179 14.46 -4.69 -0.23
CE MSE B 179 13.44 -3.94 1.27
N SER B 180 13.79 -5.67 -3.83
CA SER B 180 13.90 -7.12 -3.77
C SER B 180 14.92 -7.67 -4.79
N PHE B 181 14.98 -7.01 -5.93
CA PHE B 181 15.85 -7.46 -6.99
C PHE B 181 17.33 -7.57 -6.56
N ILE B 182 17.75 -6.74 -5.61
CA ILE B 182 19.14 -6.71 -5.21
C ILE B 182 19.36 -7.18 -3.76
N ALA B 183 18.35 -7.82 -3.19
CA ALA B 183 18.48 -8.34 -1.84
C ALA B 183 18.91 -9.80 -1.86
N LEU B 184 19.55 -10.25 -0.76
CA LEU B 184 19.96 -11.65 -0.57
C LEU B 184 21.12 -12.14 -1.46
N LEU B 185 21.90 -11.21 -2.01
CA LEU B 185 22.85 -11.59 -3.05
C LEU B 185 24.07 -12.40 -2.58
N LYS B 186 24.45 -12.31 -1.31
N LYS B 186 24.43 -12.32 -1.30
CA LYS B 186 25.56 -13.14 -0.85
CA LYS B 186 25.53 -13.11 -0.79
C LYS B 186 25.20 -14.62 -1.02
C LYS B 186 25.21 -14.61 -0.83
N THR B 187 23.93 -14.93 -0.85
CA THR B 187 23.48 -16.30 -0.87
C THR B 187 22.57 -16.60 -2.06
N ASP B 188 22.75 -15.86 -3.15
CA ASP B 188 21.88 -16.05 -4.27
C ASP B 188 22.62 -15.99 -5.59
N ARG B 189 23.13 -17.13 -6.00
CA ARG B 189 23.82 -17.20 -7.28
C ARG B 189 22.87 -17.01 -8.48
N LYS B 190 21.69 -17.58 -8.44
CA LYS B 190 20.77 -17.41 -9.54
C LYS B 190 20.43 -15.93 -9.74
N GLN B 191 20.22 -15.19 -8.65
CA GLN B 191 19.86 -13.79 -8.79
C GLN B 191 21.05 -12.97 -9.27
N GLN B 192 22.24 -13.40 -8.91
CA GLN B 192 23.44 -12.73 -9.45
C GLN B 192 23.53 -12.90 -10.96
N ILE B 193 23.23 -14.09 -11.40
CA ILE B 193 23.21 -14.35 -12.83
C ILE B 193 22.07 -13.56 -13.51
N ILE B 194 20.93 -13.48 -12.85
CA ILE B 194 19.79 -12.80 -13.45
C ILE B 194 20.07 -11.32 -13.60
N ILE B 195 20.60 -10.71 -12.55
CA ILE B 195 20.91 -9.30 -12.60
C ILE B 195 21.87 -9.03 -13.73
N ARG B 196 22.90 -9.83 -13.85
N ARG B 196 22.92 -9.83 -13.84
CA ARG B 196 23.91 -9.57 -14.86
CA ARG B 196 23.91 -9.63 -14.89
C ARG B 196 23.27 -9.67 -16.25
C ARG B 196 23.21 -9.64 -16.23
N ALA B 197 22.44 -10.70 -16.46
CA ALA B 197 21.71 -10.86 -17.73
C ALA B 197 20.85 -9.63 -18.05
N ILE B 198 20.17 -9.09 -17.05
CA ILE B 198 19.30 -7.95 -17.26
C ILE B 198 20.07 -6.66 -17.53
N VAL B 199 21.13 -6.44 -16.78
CA VAL B 199 21.99 -5.28 -17.05
C VAL B 199 22.59 -5.29 -18.46
N ASN B 200 23.18 -6.41 -18.86
N ASN B 200 23.17 -6.41 -18.86
CA ASN B 200 23.77 -6.54 -20.19
CA ASN B 200 23.77 -6.51 -20.20
C ASN B 200 22.72 -6.39 -21.30
C ASN B 200 22.73 -6.40 -21.32
N LEU B 201 21.52 -6.87 -21.04
CA LEU B 201 20.41 -6.71 -21.98
C LEU B 201 20.08 -5.23 -22.16
N CYS B 202 19.89 -4.51 -21.05
N CYS B 202 19.93 -4.53 -21.04
CA CYS B 202 19.66 -3.07 -21.10
CA CYS B 202 19.66 -3.10 -21.06
C CYS B 202 20.72 -2.31 -21.87
C CYS B 202 20.72 -2.33 -21.86
N HIS B 203 21.98 -2.68 -21.63
CA HIS B 203 23.09 -2.07 -22.34
C HIS B 203 23.09 -2.43 -23.82
N ASP B 204 22.80 -3.69 -24.11
CA ASP B 204 22.66 -4.13 -25.51
C ASP B 204 21.45 -3.47 -26.18
N LEU B 205 20.45 -3.09 -25.42
CA LEU B 205 19.40 -2.25 -25.98
C LEU B 205 19.80 -0.76 -26.03
N GLY B 206 20.96 -0.43 -25.50
CA GLY B 206 21.43 0.94 -25.50
C GLY B 206 20.79 1.79 -24.42
N GLY B 207 20.42 1.16 -23.30
CA GLY B 207 19.89 1.90 -22.17
C GLY B 207 20.81 1.77 -20.97
N LYS B 208 20.32 2.22 -19.82
CA LYS B 208 21.04 2.13 -18.57
C LYS B 208 20.11 1.61 -17.48
N VAL B 209 20.68 1.14 -16.38
CA VAL B 209 19.91 0.55 -15.31
C VAL B 209 20.09 1.34 -14.03
N VAL B 210 19.02 1.59 -13.28
CA VAL B 210 19.11 2.16 -11.93
C VAL B 210 18.67 1.08 -10.97
N THR B 211 19.47 0.74 -9.97
CA THR B 211 19.00 -0.20 -8.95
C THR B 211 18.61 0.59 -7.70
N GLU B 212 17.31 0.56 -7.33
CA GLU B 212 16.84 1.19 -6.12
C GLU B 212 16.94 0.21 -4.96
N GLY B 213 16.77 0.72 -3.75
CA GLY B 213 16.79 -0.12 -2.57
C GLY B 213 18.20 -0.48 -2.17
N VAL B 214 19.19 0.28 -2.64
CA VAL B 214 20.56 0.02 -2.23
C VAL B 214 20.74 0.42 -0.77
N GLU B 215 21.17 -0.54 0.05
CA GLU B 215 21.24 -0.31 1.48
C GLU B 215 22.66 -0.38 2.06
N ASP B 216 23.56 -1.13 1.43
CA ASP B 216 24.90 -1.31 2.02
C ASP B 216 26.03 -1.43 1.01
N MSE B 217 27.25 -1.28 1.51
CA MSE B 217 28.42 -1.25 0.65
C MSE B 217 28.69 -2.61 -0.06
O MSE B 217 29.20 -2.63 -1.14
CB MSE B 217 29.64 -0.77 1.47
CG MSE B 217 30.92 -0.50 0.65
SE MSE B 217 30.71 0.89 -0.71
CE MSE B 217 31.64 0.00 -2.14
N GLU B 218 28.33 -3.72 0.56
N GLU B 218 28.33 -3.71 0.58
CA GLU B 218 28.52 -5.02 -0.06
CA GLU B 218 28.50 -5.00 -0.04
C GLU B 218 27.67 -5.14 -1.33
C GLU B 218 27.69 -5.09 -1.33
N GLN B 219 26.45 -4.58 -1.28
CA GLN B 219 25.63 -4.45 -2.48
C GLN B 219 26.30 -3.58 -3.52
N VAL B 220 26.84 -2.45 -3.11
CA VAL B 220 27.52 -1.57 -4.05
C VAL B 220 28.65 -2.28 -4.79
N GLU B 221 29.42 -3.03 -4.04
CA GLU B 221 30.52 -3.77 -4.63
C GLU B 221 30.01 -4.70 -5.76
N LYS B 222 28.95 -5.47 -5.47
CA LYS B 222 28.41 -6.44 -6.44
C LYS B 222 27.83 -5.77 -7.65
N LEU B 223 27.04 -4.74 -7.42
CA LEU B 223 26.32 -4.08 -8.49
C LEU B 223 27.30 -3.32 -9.39
N ARG B 224 28.32 -2.74 -8.80
N ARG B 224 28.30 -2.67 -8.80
CA ARG B 224 29.40 -2.13 -9.57
CA ARG B 224 29.31 -2.02 -9.61
C ARG B 224 30.04 -3.12 -10.55
C ARG B 224 29.98 -3.04 -10.53
N GLU B 225 30.40 -4.31 -10.06
N GLU B 225 30.28 -4.21 -9.99
CA GLU B 225 31.04 -5.30 -10.92
CA GLU B 225 30.96 -5.25 -10.77
C GLU B 225 30.09 -5.82 -12.00
C GLU B 225 30.09 -5.86 -11.86
N MSE B 226 28.79 -5.81 -11.71
N MSE B 226 28.77 -5.78 -11.69
CA MSE B 226 27.78 -6.23 -12.67
CA MSE B 226 27.83 -6.25 -12.70
C MSE B 226 27.34 -5.14 -13.63
C MSE B 226 27.36 -5.14 -13.64
O MSE B 226 26.37 -5.31 -14.38
O MSE B 226 26.40 -5.33 -14.39
CB MSE B 226 26.58 -6.83 -11.95
CB MSE B 226 26.65 -6.93 -12.05
CG MSE B 226 26.87 -8.17 -11.35
CG MSE B 226 27.05 -8.25 -11.49
SE MSE B 226 25.29 -9.01 -10.62
SE MSE B 226 25.55 -9.17 -10.77
CE MSE B 226 25.64 -8.71 -8.73
CE MSE B 226 25.22 -7.99 -9.28
N LYS B 227 28.04 -4.00 -13.58
CA LYS B 227 27.87 -2.94 -14.56
C LYS B 227 26.57 -2.13 -14.41
N VAL B 228 25.96 -2.15 -13.22
CA VAL B 228 24.82 -1.29 -12.97
C VAL B 228 25.28 0.15 -13.11
N ASP B 229 24.52 0.99 -13.80
CA ASP B 229 24.97 2.36 -14.04
C ASP B 229 24.75 3.32 -12.86
N TYR B 230 23.62 3.19 -12.16
CA TYR B 230 23.20 4.18 -11.16
C TYR B 230 22.61 3.50 -9.96
N PHE B 231 22.78 4.14 -8.80
CA PHE B 231 22.27 3.62 -7.54
C PHE B 231 21.28 4.59 -6.89
N GLN B 232 20.35 4.03 -6.14
CA GLN B 232 19.43 4.79 -5.34
C GLN B 232 19.10 3.94 -4.09
N GLY B 233 19.04 4.56 -2.93
CA GLY B 233 18.63 3.83 -1.75
C GLY B 233 19.14 4.48 -0.50
N TYR B 234 18.74 3.93 0.63
CA TYR B 234 19.06 4.49 1.94
C TYR B 234 20.56 4.76 2.16
N TYR B 235 21.41 3.93 1.55
CA TYR B 235 22.86 4.01 1.74
C TYR B 235 23.41 5.37 1.33
N PHE B 236 22.72 5.99 0.39
CA PHE B 236 23.08 7.32 -0.05
C PHE B 236 22.17 8.33 0.61
N SER B 237 20.87 8.23 0.36
CA SER B 237 19.90 9.13 1.03
C SER B 237 18.44 8.69 0.88
N ARG B 238 17.69 8.69 1.98
CA ARG B 238 16.23 8.64 1.91
C ARG B 238 15.72 9.82 1.06
N PRO B 239 14.46 9.76 0.62
CA PRO B 239 13.92 10.95 -0.05
C PRO B 239 13.77 12.14 0.92
N LEU B 240 14.06 13.35 0.45
CA LEU B 240 14.08 14.55 1.30
C LEU B 240 13.51 15.74 0.55
N PRO B 241 13.02 16.75 1.29
CA PRO B 241 12.75 18.05 0.69
C PRO B 241 13.99 18.53 -0.05
N MSE B 242 13.85 19.30 -1.12
CA MSE B 242 15.01 19.86 -1.79
C MSE B 242 15.90 20.62 -0.81
O MSE B 242 17.13 20.57 -0.90
CB MSE B 242 14.63 20.75 -2.96
CG MSE B 242 15.84 21.22 -3.79
SE MSE B 242 17.04 19.75 -4.33
CE MSE B 242 16.09 19.04 -5.86
N GLU B 243 15.26 21.33 0.12
N GLU B 243 15.29 21.28 0.16
CA GLU B 243 15.95 22.09 1.16
CA GLU B 243 16.05 22.08 1.11
C GLU B 243 16.98 21.24 1.90
C GLU B 243 17.02 21.25 1.93
N GLU B 244 16.56 20.08 2.36
CA GLU B 244 17.43 19.19 3.12
C GLU B 244 18.47 18.43 2.26
N ILE B 245 18.13 18.22 1.00
CA ILE B 245 19.15 17.75 0.06
C ILE B 245 20.31 18.75 0.01
N LYS B 246 20.01 20.00 -0.28
CA LYS B 246 21.05 20.99 -0.48
C LYS B 246 21.88 21.23 0.78
N GLN B 247 21.26 21.03 1.94
CA GLN B 247 21.97 21.16 3.22
C GLN B 247 22.89 19.97 3.44
N LYS B 248 22.53 18.84 2.84
CA LYS B 248 23.33 17.62 2.97
C LYS B 248 24.43 17.55 1.94
N TYR B 249 24.10 17.99 0.74
CA TYR B 249 24.98 17.94 -0.41
C TYR B 249 25.10 19.34 -0.96
N SER B 250 26.17 20.03 -0.57
CA SER B 250 26.37 21.41 -0.97
C SER B 250 26.63 21.52 -2.46
N ILE B 251 26.90 20.37 -3.10
CA ILE B 251 27.07 20.24 -4.55
C ILE B 251 25.81 20.71 -5.28
N VAL B 252 24.66 20.48 -4.67
CA VAL B 252 23.40 20.62 -5.36
C VAL B 252 22.90 22.03 -5.18
P PO4 C . -9.17 -4.94 32.72
O1 PO4 C . -10.38 -5.10 33.59
O2 PO4 C . -9.31 -5.74 31.46
O3 PO4 C . -8.97 -3.49 32.39
O4 PO4 C . -7.99 -5.40 33.49
C1 EDO D . -19.00 -7.84 14.39
O1 EDO D . -17.84 -7.63 13.57
C2 EDO D . -18.97 -6.82 15.51
O2 EDO D . -17.95 -7.12 16.46
C1 EDO E . -5.10 -22.17 27.33
O1 EDO E . -5.54 -20.82 27.24
C2 EDO E . -3.58 -22.19 27.18
O2 EDO E . -3.20 -21.15 26.28
C1 EDO F . -1.33 -20.26 15.58
O1 EDO F . 0.03 -20.38 16.00
C2 EDO F . -1.55 -20.66 14.12
O2 EDO F . -2.01 -19.59 13.27
C1 EDO G . -7.55 -5.18 0.75
O1 EDO G . -8.12 -4.03 1.38
C2 EDO G . -7.27 -6.20 1.83
O2 EDO G . -8.50 -6.80 2.24
C1 GOL H . -19.20 12.45 4.39
O1 GOL H . -18.04 12.19 3.63
C2 GOL H . -19.00 12.41 5.89
O2 GOL H . -17.71 12.51 6.47
C3 GOL H . -19.88 13.51 6.33
O3 GOL H . -19.39 14.77 6.04
C1 EDO I . 21.64 -6.95 1.51
O1 EDO I . 22.79 -7.79 1.64
C2 EDO I . 20.51 -7.56 2.31
O2 EDO I . 19.77 -8.42 1.46
C1 EDO J . 17.31 -4.67 3.40
O1 EDO J . 18.34 -5.37 4.06
C2 EDO J . 17.25 -5.20 1.99
O2 EDO J . 18.53 -5.14 1.38
C1 EDO K . -10.72 5.74 9.79
O1 EDO K . -11.99 6.37 10.13
C2 EDO K . -10.41 4.71 10.87
O2 EDO K . -9.08 4.87 11.31
C1 EDO L . 15.52 2.09 0.70
O1 EDO L . 16.90 1.84 0.39
C2 EDO L . 14.87 2.99 -0.33
O2 EDO L . 15.46 4.28 -0.31
P PO4 M . 29.98 -21.06 -10.60
O1 PO4 M . 30.43 -20.66 -11.98
O2 PO4 M . 30.14 -22.55 -10.49
O3 PO4 M . 30.75 -20.28 -9.57
O4 PO4 M . 28.52 -20.73 -10.48
C1 EDO N . 18.74 7.38 -14.63
O1 EDO N . 17.39 7.51 -14.12
C2 EDO N . 19.68 8.35 -13.93
O2 EDO N . 19.87 7.97 -12.57
C1 EDO O . 0.19 25.63 -20.68
O1 EDO O . 1.05 26.45 -19.90
C2 EDO O . 0.93 24.35 -21.07
O2 EDO O . 1.22 24.36 -22.44
C1 EDO P . 2.05 19.48 -16.56
O1 EDO P . 1.63 20.29 -15.45
C2 EDO P . 1.09 18.33 -16.87
O2 EDO P . 0.64 17.59 -15.71
C1 EDO Q . 3.50 2.41 -7.53
O1 EDO Q . 4.78 3.02 -7.76
C2 EDO Q . 3.60 0.90 -7.70
O2 EDO Q . 3.85 0.60 -9.07
C1 EDO R . 19.75 8.00 4.57
O1 EDO R . 18.87 9.02 5.04
C2 EDO R . 21.05 8.17 5.33
O2 EDO R . 22.04 7.24 4.86
C ACY S . -6.92 9.01 -25.11
O ACY S . -6.78 10.23 -25.20
OXT ACY S . -7.91 8.50 -24.58
CH3 ACY S . -5.85 8.10 -25.63
#